data_7FN0
#
_entry.id   7FN0
#
_cell.length_a   87.346
_cell.length_b   85.898
_cell.length_c   93.13
_cell.angle_alpha   90
_cell.angle_beta   110.49
_cell.angle_gamma   90
#
_symmetry.space_group_name_H-M   'C 1 2 1'
#
loop_
_entity.id
_entity.type
_entity.pdbx_description
1 polymer 'Pre-mRNA-splicing factor 8'
2 polymer 'A1 cistron-splicing factor AAR2'
3 non-polymer '4-{[(propan-2-yl)oxy]methyl}benzoic acid'
4 water water
#
loop_
_entity_poly.entity_id
_entity_poly.type
_entity_poly.pdbx_seq_one_letter_code
_entity_poly.pdbx_strand_id
1 'polypeptide(L)'
;GAMNSSNYAELFNNDIKLFVDDTNVYRVTVHKTFEGNVATKAINGCIFTLNPKTGHLFLKIIHTSVWAGQKRLSQLAKWK
TAEEVSALVRSLPKEEQPKQIIVTRKAMLDPLEVHMLDFPNIAIRPTELRLPFSAAMSIDKLSDVVMKATEPQMVLFNIY
DDWLDRISSYTAFSRLTLLLRALKTNEESAKMILLSDPTITIKSYHLWPSFTDEQWITIESQMRDLILTEYGRKYNVNIS
ALTQTEIKDIILGQNIKA
;
A
2 'polypeptide(L)'
;GAMAMNTVPFTSAPIEVTIGIDQYSFNVKENQPFHGIKDIPIGHVHVIHFQHADNSSMRYGYWFDCRMGNFYIQYDPKDG
LYKMMEERDGAKFENIVHNFKERQMMVSYPKIDEDDTWYNLTEFVQMDKIRKIVRKDENQFSYVDSSMTTVQENELSSSS
SDPAHSLNYTVINFKSREAIRPGHEMEDFLDKSYYLNTVMLQGIFKNSSNYFGELQFAFLNAMFFGNYGSSLQWHAMIEL
ICSSATVPKHMLDKLDEILYYQIKTLPEQYSDILLNERVWNICLYSSFQKNSLHNTEKIMENKYPELL
;
B
#
loop_
_chem_comp.id
_chem_comp.type
_chem_comp.name
_chem_comp.formula
VUN non-polymer '4-{[(propan-2-yl)oxy]methyl}benzoic acid' 'C11 H14 O3'
#
# COMPACT_ATOMS: atom_id res chain seq x y z
N GLY A 1 10.31 -1.85 -10.84
CA GLY A 1 11.36 -1.80 -9.84
C GLY A 1 12.18 -0.52 -9.89
N ALA A 2 13.18 -0.40 -9.01
CA ALA A 2 14.03 0.78 -8.98
C ALA A 2 15.17 0.65 -9.99
N MET A 3 15.44 1.75 -10.68
CA MET A 3 16.45 1.81 -11.73
C MET A 3 17.80 2.25 -11.15
N ASN A 4 18.88 1.95 -11.89
CA ASN A 4 20.22 2.35 -11.46
C ASN A 4 21.27 2.12 -12.56
N SER A 5 22.38 1.42 -12.25
CA SER A 5 23.56 1.41 -13.12
C SER A 5 24.01 0.03 -13.61
N SER A 6 23.65 -1.07 -12.94
CA SER A 6 23.77 -2.36 -13.61
C SER A 6 23.00 -2.33 -14.94
N ASN A 7 21.76 -1.83 -14.90
CA ASN A 7 20.89 -1.65 -16.06
C ASN A 7 20.82 -0.20 -16.52
N TYR A 8 21.98 0.46 -16.58
CA TYR A 8 21.99 1.80 -17.15
C TYR A 8 21.73 1.76 -18.65
N ALA A 9 22.25 0.74 -19.34
CA ALA A 9 22.01 0.65 -20.77
C ALA A 9 20.53 0.39 -21.10
N GLU A 10 19.79 -0.28 -20.21
CA GLU A 10 18.38 -0.59 -20.45
C GLU A 10 17.56 0.67 -20.69
N LEU A 11 17.98 1.79 -20.10
CA LEU A 11 17.29 3.05 -20.37
C LEU A 11 17.19 3.33 -21.85
N PHE A 12 18.04 2.71 -22.66
CA PHE A 12 18.12 3.03 -24.06
C PHE A 12 17.70 1.88 -24.96
N ASN A 13 17.03 0.87 -24.40
CA ASN A 13 16.38 -0.16 -25.21
C ASN A 13 15.14 0.47 -25.87
N ASN A 14 14.31 -0.38 -26.47
CA ASN A 14 13.22 0.09 -27.33
C ASN A 14 11.90 0.21 -26.61
N ASP A 15 11.82 -0.18 -25.35
CA ASP A 15 10.64 0.12 -24.55
C ASP A 15 10.63 1.62 -24.27
N ILE A 16 9.54 2.29 -24.65
CA ILE A 16 9.43 3.72 -24.41
C ILE A 16 9.40 4.00 -22.91
N LYS A 17 10.24 4.92 -22.47
CA LYS A 17 10.23 5.31 -21.07
C LYS A 17 10.39 6.81 -20.93
N LEU A 18 9.82 7.34 -19.85
CA LEU A 18 9.90 8.76 -19.56
C LEU A 18 10.42 8.94 -18.14
N PHE A 19 11.41 9.83 -17.98
CA PHE A 19 11.72 10.36 -16.67
C PHE A 19 10.79 11.54 -16.35
N VAL A 20 10.36 11.60 -15.09
CA VAL A 20 9.56 12.72 -14.58
C VAL A 20 10.28 13.32 -13.38
N ASP A 21 10.65 14.59 -13.48
CA ASP A 21 11.25 15.31 -12.37
C ASP A 21 10.33 16.45 -11.99
N ASP A 22 9.97 16.51 -10.72
CA ASP A 22 9.04 17.51 -10.22
C ASP A 22 9.70 18.58 -9.36
N THR A 23 11.03 18.62 -9.33
N THR A 23 11.03 18.68 -9.35
CA THR A 23 11.71 19.52 -8.41
CA THR A 23 11.68 19.55 -8.38
C THR A 23 11.25 20.96 -8.66
C THR A 23 11.55 21.03 -8.70
N ASN A 24 11.15 21.38 -9.92
CA ASN A 24 10.90 22.77 -10.30
C ASN A 24 9.42 23.10 -10.51
N VAL A 25 8.50 22.27 -9.98
CA VAL A 25 7.08 22.56 -10.19
C VAL A 25 6.62 23.71 -9.29
N TYR A 26 6.87 23.62 -8.00
CA TYR A 26 6.54 24.63 -7.02
C TYR A 26 7.84 25.33 -6.64
N ARG A 27 7.98 26.58 -7.08
CA ARG A 27 9.16 27.40 -6.83
C ARG A 27 8.75 28.68 -6.14
N VAL A 28 9.56 29.14 -5.16
CA VAL A 28 9.29 30.40 -4.47
C VAL A 28 10.57 31.22 -4.27
N THR A 29 10.36 32.53 -4.13
CA THR A 29 11.35 33.41 -3.51
C THR A 29 10.97 33.61 -2.05
N VAL A 30 11.95 33.90 -1.20
CA VAL A 30 11.71 34.10 0.24
C VAL A 30 12.17 35.52 0.59
N HIS A 31 11.23 36.35 1.07
CA HIS A 31 11.48 37.77 1.31
C HIS A 31 10.75 38.25 2.56
N LYS A 32 11.28 39.32 3.17
CA LYS A 32 10.80 39.83 4.44
C LYS A 32 9.65 40.83 4.26
N THR A 33 8.60 40.69 5.07
CA THR A 33 7.42 41.52 4.96
C THR A 33 7.65 42.89 5.62
N PHE A 34 6.61 43.73 5.64
CA PHE A 34 6.71 45.03 6.28
C PHE A 34 6.73 44.91 7.80
N GLU A 35 5.87 44.04 8.33
CA GLU A 35 5.81 43.80 9.77
C GLU A 35 7.08 43.18 10.31
N GLY A 36 7.98 42.72 9.43
CA GLY A 36 9.18 42.02 9.81
C GLY A 36 9.17 40.54 9.52
N ASN A 37 7.99 39.96 9.27
CA ASN A 37 7.87 38.54 8.98
C ASN A 37 8.66 38.19 7.72
N VAL A 38 8.65 36.92 7.36
CA VAL A 38 9.17 36.46 6.08
C VAL A 38 8.01 35.85 5.30
N ALA A 39 7.97 36.10 4.00
CA ALA A 39 6.90 35.59 3.16
C ALA A 39 7.46 35.01 1.87
N THR A 40 6.81 33.93 1.40
CA THR A 40 7.16 33.38 0.11
C THR A 40 6.34 34.05 -0.98
N LYS A 41 6.90 34.07 -2.17
CA LYS A 41 6.15 34.42 -3.37
C LYS A 41 6.45 33.36 -4.41
N ALA A 42 5.41 32.72 -4.95
CA ALA A 42 5.64 31.72 -5.97
C ALA A 42 6.07 32.35 -7.28
N ILE A 43 6.89 31.62 -8.04
CA ILE A 43 7.23 31.99 -9.39
C ILE A 43 6.91 30.79 -10.26
N ASN A 44 6.76 31.05 -11.56
CA ASN A 44 6.42 29.96 -12.48
C ASN A 44 7.41 28.81 -12.36
N GLY A 45 6.89 27.61 -12.51
CA GLY A 45 7.75 26.43 -12.55
C GLY A 45 7.50 25.55 -13.76
N CYS A 46 7.88 24.29 -13.65
CA CYS A 46 7.74 23.41 -14.80
C CYS A 46 7.86 21.97 -14.35
N ILE A 47 7.18 21.08 -15.06
CA ILE A 47 7.43 19.66 -14.98
C ILE A 47 8.43 19.29 -16.05
N PHE A 48 9.44 18.51 -15.68
CA PHE A 48 10.46 18.05 -16.62
C PHE A 48 10.19 16.57 -16.91
N THR A 49 9.70 16.27 -18.10
CA THR A 49 9.38 14.91 -18.54
C THR A 49 10.20 14.60 -19.79
N LEU A 50 11.12 13.65 -19.67
CA LEU A 50 12.11 13.42 -20.71
C LEU A 50 12.10 11.96 -21.18
N ASN A 51 12.09 11.78 -22.52
CA ASN A 51 12.41 10.47 -23.11
C ASN A 51 13.93 10.37 -23.29
N PRO A 52 14.63 9.51 -22.54
CA PRO A 52 16.11 9.50 -22.62
C PRO A 52 16.64 8.92 -23.92
N LYS A 53 15.82 8.16 -24.62
CA LYS A 53 16.27 7.57 -25.88
C LYS A 53 16.26 8.59 -27.01
N THR A 54 15.21 9.41 -27.10
CA THR A 54 15.01 10.33 -28.20
C THR A 54 15.40 11.76 -27.89
N GLY A 55 15.50 12.12 -26.61
CA GLY A 55 15.77 13.48 -26.21
C GLY A 55 14.54 14.35 -26.12
N HIS A 56 13.37 13.82 -26.45
CA HIS A 56 12.17 14.64 -26.44
C HIS A 56 11.84 15.03 -25.01
N LEU A 57 11.73 16.32 -24.79
CA LEU A 57 11.41 16.91 -23.51
C LEU A 57 10.04 17.55 -23.63
N PHE A 58 9.11 17.08 -22.82
CA PHE A 58 7.77 17.66 -22.66
C PHE A 58 7.84 18.58 -21.44
N LEU A 59 8.01 19.89 -21.68
CA LEU A 59 8.12 20.87 -20.60
C LEU A 59 6.74 21.48 -20.34
N LYS A 60 6.08 21.02 -19.29
CA LYS A 60 4.81 21.62 -18.88
C LYS A 60 5.10 22.81 -17.95
N ILE A 61 4.73 24.01 -18.40
CA ILE A 61 4.94 25.20 -17.60
C ILE A 61 3.80 25.29 -16.59
N ILE A 62 4.18 25.44 -15.32
CA ILE A 62 3.25 25.52 -14.19
C ILE A 62 3.14 27.00 -13.84
N HIS A 63 2.04 27.62 -14.22
CA HIS A 63 1.87 29.04 -13.97
C HIS A 63 1.44 29.29 -12.51
N THR A 64 1.92 30.39 -11.92
CA THR A 64 1.68 30.63 -10.49
C THR A 64 0.19 30.68 -10.14
N SER A 65 -0.69 30.95 -11.11
CA SER A 65 -2.11 31.01 -10.83
C SER A 65 -2.66 29.69 -10.34
N VAL A 66 -2.04 28.56 -10.67
N VAL A 66 -2.00 28.57 -10.67
CA VAL A 66 -2.56 27.29 -10.17
CA VAL A 66 -2.41 27.25 -10.19
C VAL A 66 -2.43 27.15 -8.65
C VAL A 66 -2.44 27.20 -8.67
N TRP A 67 -1.58 27.94 -7.99
CA TRP A 67 -1.47 27.86 -6.53
C TRP A 67 -2.45 28.78 -5.81
N ALA A 68 -3.18 29.63 -6.52
CA ALA A 68 -3.96 30.66 -5.84
C ALA A 68 -5.05 30.02 -4.99
N GLY A 69 -5.10 30.44 -3.73
CA GLY A 69 -6.13 29.94 -2.84
C GLY A 69 -6.01 28.49 -2.47
N GLN A 70 -4.85 27.87 -2.70
CA GLN A 70 -4.61 26.50 -2.30
C GLN A 70 -3.75 26.43 -1.05
N LYS A 71 -3.93 25.36 -0.30
CA LYS A 71 -3.18 25.05 0.90
C LYS A 71 -2.24 23.87 0.63
N ARG A 72 -1.27 23.71 1.54
CA ARG A 72 -0.31 22.60 1.50
C ARG A 72 0.28 22.44 0.10
N LEU A 73 0.99 23.48 -0.34
CA LEU A 73 1.36 23.54 -1.77
C LEU A 73 2.42 22.51 -2.15
N SER A 74 3.37 22.22 -1.26
CA SER A 74 4.32 21.15 -1.55
C SER A 74 3.62 19.83 -1.83
N GLN A 75 2.54 19.54 -1.09
CA GLN A 75 1.79 18.32 -1.33
C GLN A 75 1.00 18.41 -2.61
N LEU A 76 0.34 19.54 -2.82
CA LEU A 76 -0.45 19.72 -4.02
C LEU A 76 0.40 19.60 -5.28
N ALA A 77 1.62 20.11 -5.22
CA ALA A 77 2.49 20.11 -6.38
C ALA A 77 2.73 18.70 -6.89
N LYS A 78 2.81 17.73 -5.98
CA LYS A 78 3.00 16.36 -6.43
C LYS A 78 1.78 15.87 -7.19
N TRP A 79 0.59 16.17 -6.67
CA TRP A 79 -0.65 15.72 -7.32
C TRP A 79 -0.87 16.44 -8.63
N LYS A 80 -0.53 17.73 -8.66
CA LYS A 80 -0.59 18.50 -9.92
C LYS A 80 0.36 17.93 -10.96
N THR A 81 1.60 17.57 -10.57
CA THR A 81 2.53 16.92 -11.48
C THR A 81 1.92 15.64 -12.03
N ALA A 82 1.35 14.84 -11.12
CA ALA A 82 0.77 13.56 -11.51
C ALA A 82 -0.40 13.74 -12.46
N GLU A 83 -1.24 14.76 -12.19
CA GLU A 83 -2.37 15.09 -13.07
C GLU A 83 -1.88 15.44 -14.46
N GLU A 84 -0.84 16.27 -14.55
CA GLU A 84 -0.35 16.71 -15.84
C GLU A 84 0.37 15.61 -16.61
N VAL A 85 1.11 14.73 -15.91
CA VAL A 85 1.77 13.63 -16.60
C VAL A 85 0.72 12.65 -17.14
N SER A 86 -0.30 12.34 -16.35
N SER A 86 -0.29 12.34 -16.34
CA SER A 86 -1.35 11.46 -16.84
CA SER A 86 -1.36 11.48 -16.82
C SER A 86 -2.06 12.08 -18.05
C SER A 86 -2.05 12.09 -18.04
N ALA A 87 -2.29 13.39 -17.99
CA ALA A 87 -2.89 14.09 -19.15
C ALA A 87 -1.99 13.97 -20.37
N LEU A 88 -0.67 14.10 -20.18
CA LEU A 88 0.25 13.95 -21.29
C LEU A 88 0.16 12.56 -21.89
N VAL A 89 0.18 11.53 -21.05
CA VAL A 89 0.12 10.18 -21.56
C VAL A 89 -1.18 9.98 -22.33
N ARG A 90 -2.29 10.45 -21.77
CA ARG A 90 -3.57 10.27 -22.45
C ARG A 90 -3.61 10.98 -23.80
N SER A 91 -2.90 12.12 -23.93
CA SER A 91 -2.86 12.89 -25.17
C SER A 91 -2.03 12.21 -26.26
N LEU A 92 -1.18 11.25 -25.92
CA LEU A 92 -0.29 10.59 -26.86
C LEU A 92 -1.01 9.42 -27.52
N PRO A 93 -0.79 9.22 -28.82
CA PRO A 93 -1.25 7.97 -29.44
C PRO A 93 -0.73 6.76 -28.69
N LYS A 94 -1.53 5.69 -28.69
CA LYS A 94 -1.14 4.49 -27.96
C LYS A 94 0.28 4.05 -28.28
N GLU A 95 0.70 4.11 -29.55
CA GLU A 95 2.03 3.56 -29.82
C GLU A 95 3.15 4.47 -29.32
N GLU A 96 2.83 5.69 -28.90
CA GLU A 96 3.79 6.57 -28.29
C GLU A 96 3.72 6.61 -26.77
N GLN A 97 2.77 5.92 -26.14
CA GLN A 97 2.65 5.97 -24.66
C GLN A 97 3.79 5.15 -24.02
N PRO A 98 4.35 5.61 -22.91
CA PRO A 98 5.48 4.88 -22.33
C PRO A 98 5.05 3.55 -21.73
N LYS A 99 5.99 2.62 -21.67
N LYS A 99 5.99 2.62 -21.67
CA LYS A 99 5.85 1.39 -20.91
CA LYS A 99 5.80 1.40 -20.88
C LYS A 99 6.27 1.56 -19.45
C LYS A 99 6.26 1.58 -19.44
N GLN A 100 7.13 2.56 -19.16
CA GLN A 100 7.60 2.84 -17.82
C GLN A 100 7.70 4.35 -17.63
N ILE A 101 7.33 4.82 -16.45
CA ILE A 101 7.61 6.19 -16.04
C ILE A 101 8.48 6.10 -14.80
N ILE A 102 9.64 6.77 -14.85
CA ILE A 102 10.62 6.74 -13.77
C ILE A 102 10.63 8.11 -13.09
N VAL A 103 10.27 8.14 -11.85
CA VAL A 103 10.18 9.40 -11.10
C VAL A 103 11.50 9.60 -10.36
N THR A 104 12.02 10.81 -10.42
CA THR A 104 13.29 11.08 -9.74
C THR A 104 13.13 11.26 -8.23
N ARG A 105 11.91 11.38 -7.72
CA ARG A 105 11.68 11.51 -6.29
C ARG A 105 10.59 10.52 -5.87
N LYS A 106 10.90 9.69 -4.87
CA LYS A 106 9.95 8.65 -4.48
C LYS A 106 8.58 9.19 -4.04
N ALA A 107 8.53 10.44 -3.58
CA ALA A 107 7.27 11.03 -3.13
C ALA A 107 6.28 11.18 -4.28
N MET A 108 6.76 11.12 -5.54
CA MET A 108 5.83 11.13 -6.68
C MET A 108 5.14 9.79 -6.96
N LEU A 109 5.55 8.70 -6.30
CA LEU A 109 5.06 7.38 -6.69
C LEU A 109 3.55 7.25 -6.49
N ASP A 110 3.06 7.49 -5.27
CA ASP A 110 1.64 7.32 -5.05
C ASP A 110 0.79 8.31 -5.84
N PRO A 111 1.10 9.61 -5.91
CA PRO A 111 0.26 10.48 -6.74
C PRO A 111 0.18 10.01 -8.18
N LEU A 112 1.32 9.63 -8.76
CA LEU A 112 1.30 9.21 -10.16
C LEU A 112 0.57 7.87 -10.32
N GLU A 113 0.85 6.89 -9.46
CA GLU A 113 0.10 5.63 -9.59
C GLU A 113 -1.41 5.88 -9.52
N VAL A 114 -1.87 6.74 -8.62
CA VAL A 114 -3.31 6.98 -8.51
C VAL A 114 -3.84 7.68 -9.76
N HIS A 115 -3.10 8.67 -10.29
CA HIS A 115 -3.58 9.27 -11.52
C HIS A 115 -3.46 8.37 -12.74
N MET A 116 -2.62 7.33 -12.72
CA MET A 116 -2.42 6.45 -13.87
C MET A 116 -3.19 5.14 -13.75
N LEU A 117 -4.20 5.07 -12.88
CA LEU A 117 -4.95 3.81 -12.73
C LEU A 117 -5.58 3.35 -14.04
N ASP A 118 -5.88 4.28 -14.96
CA ASP A 118 -6.43 3.90 -16.25
C ASP A 118 -5.40 3.21 -17.14
N PHE A 119 -4.14 3.16 -16.72
CA PHE A 119 -3.06 2.57 -17.50
C PHE A 119 -2.33 1.51 -16.69
N PRO A 120 -3.00 0.41 -16.35
CA PRO A 120 -2.37 -0.59 -15.48
C PRO A 120 -1.11 -1.21 -16.03
N ASN A 121 -0.90 -1.20 -17.34
CA ASN A 121 0.29 -1.78 -17.94
C ASN A 121 1.48 -0.82 -18.01
N ILE A 122 1.35 0.39 -17.46
CA ILE A 122 2.44 1.36 -17.41
C ILE A 122 3.06 1.27 -16.03
N ALA A 123 4.28 0.78 -15.97
CA ALA A 123 5.00 0.67 -14.72
C ALA A 123 5.49 2.03 -14.24
N ILE A 124 5.25 2.32 -12.96
CA ILE A 124 5.66 3.56 -12.33
C ILE A 124 6.72 3.20 -11.29
N ARG A 125 7.91 3.77 -11.42
CA ARG A 125 9.00 3.32 -10.57
C ARG A 125 9.93 4.46 -10.17
N PRO A 126 10.57 4.36 -8.99
CA PRO A 126 11.68 5.25 -8.65
C PRO A 126 13.00 4.81 -9.26
N THR A 127 14.09 5.49 -8.91
CA THR A 127 15.41 5.13 -9.43
C THR A 127 16.45 5.43 -8.35
N GLU A 128 17.50 4.61 -8.33
N GLU A 128 17.50 4.62 -8.32
CA GLU A 128 18.66 4.90 -7.49
CA GLU A 128 18.64 4.93 -7.48
C GLU A 128 19.65 5.83 -8.18
C GLU A 128 19.65 5.84 -8.18
N LEU A 129 19.44 6.14 -9.46
CA LEU A 129 20.28 7.11 -10.14
C LEU A 129 20.04 8.49 -9.55
N ARG A 130 21.11 9.20 -9.19
CA ARG A 130 20.95 10.60 -8.80
C ARG A 130 21.11 11.39 -10.08
N LEU A 131 20.06 12.08 -10.47
CA LEU A 131 20.12 12.78 -11.72
C LEU A 131 20.01 14.27 -11.45
N PRO A 132 20.66 15.07 -12.25
CA PRO A 132 20.68 16.52 -12.00
C PRO A 132 19.62 17.30 -12.75
N PHE A 133 18.42 16.74 -12.93
CA PHE A 133 17.42 17.47 -13.69
C PHE A 133 16.91 18.72 -12.99
N SER A 134 17.09 18.86 -11.66
CA SER A 134 16.73 20.12 -11.03
C SER A 134 17.45 21.31 -11.65
N ALA A 135 18.57 21.10 -12.38
CA ALA A 135 19.32 22.18 -13.03
C ALA A 135 18.78 22.55 -14.40
N ALA A 136 17.62 22.03 -14.77
CA ALA A 136 17.03 22.33 -16.07
C ALA A 136 16.78 23.82 -16.25
N MET A 137 16.50 24.52 -15.14
CA MET A 137 16.22 25.95 -15.18
C MET A 137 17.50 26.77 -15.34
N SER A 138 18.69 26.13 -15.33
CA SER A 138 19.92 26.79 -15.75
C SER A 138 20.10 26.81 -17.25
N ILE A 139 19.24 26.14 -18.02
CA ILE A 139 19.31 26.19 -19.47
C ILE A 139 18.54 27.44 -19.89
N ASP A 140 19.24 28.41 -20.45
CA ASP A 140 18.68 29.75 -20.62
C ASP A 140 17.36 29.73 -21.39
N LYS A 141 17.31 29.00 -22.50
CA LYS A 141 16.05 29.03 -23.26
C LYS A 141 14.88 28.39 -22.49
N LEU A 142 15.13 27.38 -21.64
CA LEU A 142 14.05 26.81 -20.84
C LEU A 142 13.60 27.77 -19.77
N SER A 143 14.57 28.36 -19.07
CA SER A 143 14.22 29.33 -18.04
C SER A 143 13.43 30.48 -18.64
N ASP A 144 13.84 30.97 -19.81
CA ASP A 144 13.15 32.09 -20.46
C ASP A 144 11.68 31.76 -20.74
N VAL A 145 11.41 30.60 -21.29
CA VAL A 145 10.03 30.30 -21.66
C VAL A 145 9.18 30.10 -20.41
N VAL A 146 9.75 29.55 -19.32
CA VAL A 146 9.00 29.39 -18.09
C VAL A 146 8.68 30.74 -17.48
N MET A 147 9.69 31.61 -17.39
N MET A 147 9.68 31.63 -17.38
N MET A 147 9.67 31.63 -17.39
CA MET A 147 9.52 32.90 -16.73
CA MET A 147 9.47 32.90 -16.71
CA MET A 147 9.48 32.91 -16.71
C MET A 147 8.55 33.79 -17.50
C MET A 147 8.54 33.81 -17.51
C MET A 147 8.62 33.87 -17.51
N LYS A 148 8.57 33.72 -18.84
CA LYS A 148 7.73 34.60 -19.65
C LYS A 148 6.28 34.17 -19.73
N ALA A 149 5.94 32.96 -19.28
CA ALA A 149 4.60 32.44 -19.45
C ALA A 149 3.57 33.18 -18.62
N THR A 150 2.43 33.51 -19.25
CA THR A 150 1.33 34.17 -18.56
C THR A 150 0.15 33.26 -18.32
N GLU A 151 0.27 31.99 -18.70
CA GLU A 151 -0.80 31.02 -18.59
C GLU A 151 -0.15 29.64 -18.65
N PRO A 152 -0.86 28.60 -18.25
CA PRO A 152 -0.33 27.24 -18.43
C PRO A 152 -0.01 27.00 -19.90
N GLN A 153 1.02 26.21 -20.15
CA GLN A 153 1.59 26.03 -21.49
C GLN A 153 2.38 24.74 -21.49
N MET A 154 2.36 24.00 -22.60
CA MET A 154 3.26 22.88 -22.84
C MET A 154 4.18 23.21 -23.99
N VAL A 155 5.49 23.03 -23.81
CA VAL A 155 6.48 23.32 -24.83
C VAL A 155 7.35 22.10 -25.06
N LEU A 156 7.53 21.74 -26.34
CA LEU A 156 8.32 20.59 -26.72
C LEU A 156 9.73 21.03 -27.12
N PHE A 157 10.73 20.35 -26.60
CA PHE A 157 12.11 20.56 -27.00
C PHE A 157 12.74 19.22 -27.29
N ASN A 158 13.85 19.24 -28.05
CA ASN A 158 14.79 18.11 -28.05
C ASN A 158 16.02 18.55 -27.27
N ILE A 159 16.20 17.96 -26.07
CA ILE A 159 17.26 18.40 -25.17
C ILE A 159 18.62 17.92 -25.65
N TYR A 160 18.68 17.11 -26.71
CA TYR A 160 19.93 16.69 -27.32
C TYR A 160 20.24 17.46 -28.61
N ASP A 161 19.46 18.49 -28.93
CA ASP A 161 19.65 19.23 -30.19
C ASP A 161 19.75 18.21 -31.33
N ASP A 162 20.80 18.24 -32.16
CA ASP A 162 21.03 17.30 -33.25
C ASP A 162 22.08 16.24 -32.91
N TRP A 163 22.42 16.07 -31.62
CA TRP A 163 23.52 15.17 -31.30
C TRP A 163 23.29 13.75 -31.82
N LEU A 164 22.04 13.29 -31.90
CA LEU A 164 21.83 11.87 -32.24
C LEU A 164 22.18 11.59 -33.70
N ASP A 165 22.37 12.65 -34.50
CA ASP A 165 22.94 12.47 -35.82
C ASP A 165 24.34 11.89 -35.77
N ARG A 166 25.01 11.99 -34.61
CA ARG A 166 26.44 11.73 -34.54
C ARG A 166 26.82 10.80 -33.40
N ILE A 167 26.03 10.76 -32.32
CA ILE A 167 26.34 9.92 -31.17
C ILE A 167 25.10 9.12 -30.81
N SER A 168 25.31 8.11 -29.96
CA SER A 168 24.23 7.26 -29.49
C SER A 168 23.43 7.95 -28.40
N SER A 169 22.23 7.42 -28.15
N SER A 169 22.24 7.41 -28.11
CA SER A 169 21.39 7.94 -27.07
CA SER A 169 21.41 8.00 -27.04
C SER A 169 22.11 7.82 -25.71
C SER A 169 22.06 7.79 -25.68
N TYR A 170 22.77 6.67 -25.48
CA TYR A 170 23.57 6.49 -24.27
C TYR A 170 24.60 7.60 -24.09
N THR A 171 25.33 7.92 -25.14
CA THR A 171 26.34 8.96 -25.06
C THR A 171 25.72 10.32 -24.87
N ALA A 172 24.60 10.58 -25.55
CA ALA A 172 23.92 11.88 -25.43
C ALA A 172 23.38 12.08 -24.02
N PHE A 173 22.77 11.04 -23.45
CA PHE A 173 22.29 11.17 -22.08
C PHE A 173 23.44 11.41 -21.12
N SER A 174 24.59 10.78 -21.38
CA SER A 174 25.76 11.01 -20.51
C SER A 174 26.25 12.43 -20.65
N ARG A 175 26.25 12.97 -21.87
CA ARG A 175 26.65 14.35 -22.08
C ARG A 175 25.68 15.28 -21.36
N LEU A 176 24.39 15.01 -21.50
CA LEU A 176 23.39 15.86 -20.85
C LEU A 176 23.57 15.87 -19.34
N THR A 177 23.65 14.71 -18.73
CA THR A 177 23.78 14.71 -17.26
C THR A 177 25.11 15.32 -16.81
N LEU A 178 26.19 15.18 -17.58
CA LEU A 178 27.42 15.89 -17.23
C LEU A 178 27.22 17.40 -17.25
N LEU A 179 26.64 17.92 -18.32
CA LEU A 179 26.36 19.35 -18.45
C LEU A 179 25.49 19.83 -17.30
N LEU A 180 24.41 19.09 -17.05
CA LEU A 180 23.49 19.53 -16.01
C LEU A 180 24.10 19.43 -14.63
N ARG A 181 24.90 18.38 -14.36
CA ARG A 181 25.59 18.28 -13.06
C ARG A 181 26.54 19.46 -12.87
N ALA A 182 27.25 19.83 -13.94
CA ALA A 182 28.14 20.99 -13.86
C ALA A 182 27.36 22.27 -13.62
N LEU A 183 26.24 22.45 -14.33
CA LEU A 183 25.39 23.63 -14.08
C LEU A 183 24.87 23.65 -12.64
N LYS A 184 24.56 22.49 -12.08
CA LYS A 184 24.06 22.44 -10.71
C LYS A 184 25.16 22.76 -9.72
N THR A 185 26.39 22.33 -9.99
N THR A 185 26.38 22.35 -10.03
CA THR A 185 27.45 22.51 -9.00
CA THR A 185 27.51 22.47 -9.10
C THR A 185 28.06 23.91 -9.06
C THR A 185 28.10 23.86 -9.10
N ASN A 186 28.21 24.48 -10.27
CA ASN A 186 28.77 25.82 -10.38
C ASN A 186 28.24 26.45 -11.63
N GLU A 187 27.04 27.02 -11.52
CA GLU A 187 26.30 27.43 -12.70
C GLU A 187 27.06 28.48 -13.47
N GLU A 188 27.55 29.53 -12.79
CA GLU A 188 28.21 30.61 -13.54
C GLU A 188 29.49 30.15 -14.25
N SER A 189 30.31 29.30 -13.64
CA SER A 189 31.47 28.77 -14.34
C SER A 189 31.09 27.81 -15.45
N ALA A 190 30.05 27.00 -15.26
CA ALA A 190 29.64 26.13 -16.36
C ALA A 190 29.14 26.94 -17.55
N LYS A 191 28.39 28.01 -17.30
CA LYS A 191 27.96 28.88 -18.41
C LYS A 191 29.15 29.56 -19.11
N MET A 192 30.19 29.93 -18.37
CA MET A 192 31.40 30.53 -18.96
C MET A 192 32.05 29.52 -19.91
N ILE A 193 32.16 28.26 -19.48
CA ILE A 193 32.73 27.22 -20.32
C ILE A 193 31.98 27.13 -21.65
N LEU A 194 30.64 27.14 -21.56
CA LEU A 194 29.82 26.94 -22.75
C LEU A 194 29.78 28.15 -23.66
N LEU A 195 29.87 29.36 -23.11
CA LEU A 195 29.57 30.59 -23.82
C LEU A 195 30.82 31.46 -23.99
N SER A 196 31.99 30.97 -23.55
CA SER A 196 33.22 31.77 -23.54
C SER A 196 33.65 32.16 -24.95
N ASP A 197 33.29 31.36 -25.94
CA ASP A 197 33.75 31.58 -27.31
C ASP A 197 32.60 32.13 -28.13
N PRO A 198 32.61 33.42 -28.49
CA PRO A 198 31.49 33.98 -29.26
C PRO A 198 31.36 33.45 -30.66
N THR A 199 32.35 32.73 -31.19
CA THR A 199 32.25 32.25 -32.55
C THR A 199 31.52 30.91 -32.63
N ILE A 200 31.24 30.28 -31.50
CA ILE A 200 30.47 29.05 -31.50
C ILE A 200 29.09 29.40 -30.99
N THR A 201 28.08 29.37 -31.86
CA THR A 201 26.78 29.93 -31.52
C THR A 201 25.79 28.81 -31.24
N ILE A 202 24.65 29.22 -30.65
CA ILE A 202 23.49 28.34 -30.42
C ILE A 202 22.48 28.59 -31.53
N LYS A 203 22.14 27.54 -32.28
CA LYS A 203 21.19 27.73 -33.37
C LYS A 203 19.84 28.12 -32.80
N SER A 204 19.06 28.85 -33.61
CA SER A 204 17.76 29.31 -33.15
C SER A 204 16.91 28.17 -32.67
N TYR A 205 17.08 26.98 -33.22
CA TYR A 205 16.22 25.86 -32.84
C TYR A 205 16.93 24.90 -31.89
N HIS A 206 18.03 25.34 -31.27
CA HIS A 206 18.78 24.49 -30.34
C HIS A 206 18.84 25.10 -28.94
N LEU A 207 19.27 24.28 -27.97
CA LEU A 207 19.46 24.71 -26.58
C LEU A 207 20.93 24.90 -26.24
N TRP A 208 21.81 24.17 -26.91
CA TRP A 208 23.24 24.18 -26.60
C TRP A 208 24.02 24.70 -27.78
N PRO A 209 25.30 25.04 -27.60
CA PRO A 209 26.11 25.50 -28.74
C PRO A 209 26.41 24.38 -29.72
N SER A 210 26.67 24.82 -30.96
CA SER A 210 27.04 23.97 -32.09
C SER A 210 28.54 23.59 -32.08
N PHE A 211 28.91 22.79 -31.09
CA PHE A 211 30.29 22.34 -30.99
C PHE A 211 30.54 21.24 -32.02
N THR A 212 31.74 21.25 -32.60
CA THR A 212 32.24 20.11 -33.32
C THR A 212 32.54 18.94 -32.36
N ASP A 213 32.81 17.76 -32.96
CA ASP A 213 33.06 16.57 -32.15
C ASP A 213 34.24 16.81 -31.20
N GLU A 214 35.33 17.37 -31.73
CA GLU A 214 36.50 17.58 -30.88
C GLU A 214 36.25 18.67 -29.85
N GLN A 215 35.43 19.66 -30.19
CA GLN A 215 35.12 20.71 -29.21
C GLN A 215 34.28 20.15 -28.07
N TRP A 216 33.39 19.20 -28.37
CA TRP A 216 32.61 18.58 -27.31
C TRP A 216 33.53 17.79 -26.36
N ILE A 217 34.51 17.07 -26.89
CA ILE A 217 35.46 16.39 -26.01
C ILE A 217 36.12 17.39 -25.07
N THR A 218 36.53 18.55 -25.59
CA THR A 218 37.18 19.56 -24.78
C THR A 218 36.22 20.12 -23.73
N ILE A 219 35.01 20.46 -24.17
CA ILE A 219 33.97 20.94 -23.26
C ILE A 219 33.70 19.93 -22.15
N GLU A 220 33.56 18.65 -22.52
CA GLU A 220 33.26 17.63 -21.53
C GLU A 220 34.39 17.51 -20.51
N SER A 221 35.64 17.62 -20.97
N SER A 221 35.64 17.62 -20.98
CA SER A 221 36.78 17.62 -20.05
CA SER A 221 36.78 17.63 -20.08
C SER A 221 36.72 18.80 -19.09
C SER A 221 36.71 18.79 -19.10
N GLN A 222 36.37 19.97 -19.61
CA GLN A 222 36.29 21.17 -18.77
C GLN A 222 35.15 21.04 -17.76
N MET A 223 34.07 20.35 -18.14
CA MET A 223 32.98 20.13 -17.19
C MET A 223 33.38 19.13 -16.11
N ARG A 224 34.06 18.06 -16.49
N ARG A 224 34.04 18.04 -16.50
CA ARG A 224 34.55 17.12 -15.47
CA ARG A 224 34.58 17.10 -15.52
C ARG A 224 35.54 17.80 -14.53
C ARG A 224 35.51 17.82 -14.54
N ASP A 225 36.41 18.68 -15.07
CA ASP A 225 37.33 19.43 -14.23
CA ASP A 225 37.32 19.39 -14.19
C ASP A 225 36.58 20.34 -13.26
N LEU A 226 35.56 21.04 -13.77
CA LEU A 226 34.73 21.87 -12.91
C LEU A 226 34.15 21.06 -11.75
N ILE A 227 33.58 19.89 -12.04
CA ILE A 227 32.94 19.10 -11.00
C ILE A 227 33.97 18.64 -9.96
N LEU A 228 35.12 18.14 -10.43
CA LEU A 228 36.17 17.68 -9.52
C LEU A 228 36.74 18.82 -8.68
N THR A 229 36.97 19.98 -9.30
CA THR A 229 37.44 21.16 -8.59
C THR A 229 36.49 21.53 -7.47
N GLU A 230 35.18 21.49 -7.73
CA GLU A 230 34.23 21.86 -6.69
C GLU A 230 34.17 20.84 -5.56
N TYR A 231 34.25 19.55 -5.87
CA TYR A 231 34.42 18.50 -4.87
C TYR A 231 35.61 18.79 -3.96
N GLY A 232 36.76 19.11 -4.55
CA GLY A 232 37.92 19.40 -3.73
C GLY A 232 37.73 20.61 -2.84
N ARG A 233 37.05 21.64 -3.37
CA ARG A 233 36.82 22.85 -2.57
C ARG A 233 35.89 22.56 -1.41
N LYS A 234 34.88 21.74 -1.68
CA LYS A 234 33.86 21.47 -0.69
C LYS A 234 34.38 20.63 0.48
N TYR A 235 35.18 19.62 0.18
CA TYR A 235 35.61 18.64 1.18
C TYR A 235 37.06 18.84 1.59
N ASN A 236 37.68 19.92 1.12
CA ASN A 236 39.07 20.27 1.44
C ASN A 236 40.02 19.13 1.10
N VAL A 237 39.82 18.57 -0.10
CA VAL A 237 40.66 17.49 -0.67
C VAL A 237 41.71 18.02 -1.63
N MET B 5 -27.01 -25.79 26.49
CA MET B 5 -25.60 -26.24 26.30
C MET B 5 -25.53 -27.31 25.21
N ASN B 6 -24.48 -27.26 24.41
CA ASN B 6 -24.25 -28.24 23.36
C ASN B 6 -22.89 -28.88 23.56
N THR B 7 -22.71 -29.97 22.84
CA THR B 7 -21.56 -30.83 22.98
C THR B 7 -20.97 -31.06 21.61
N VAL B 8 -19.63 -31.04 21.50
CA VAL B 8 -18.89 -31.38 20.26
C VAL B 8 -18.09 -32.63 20.64
N PRO B 9 -18.63 -33.85 20.45
CA PRO B 9 -17.90 -35.03 20.82
C PRO B 9 -16.80 -35.34 19.80
N PHE B 10 -15.84 -36.14 20.23
CA PHE B 10 -14.68 -36.61 19.44
C PHE B 10 -14.74 -38.14 19.46
N THR B 11 -14.63 -38.80 18.32
CA THR B 11 -14.61 -40.27 18.26
C THR B 11 -13.42 -40.78 19.07
N SER B 12 -12.25 -40.15 18.90
CA SER B 12 -10.99 -40.49 19.60
C SER B 12 -9.98 -39.35 19.39
N ALA B 13 -8.83 -39.46 20.04
CA ALA B 13 -7.71 -38.51 19.89
C ALA B 13 -6.43 -39.30 19.61
N PRO B 14 -6.30 -39.80 18.39
CA PRO B 14 -5.13 -40.63 18.09
C PRO B 14 -3.82 -39.88 18.02
N ILE B 15 -3.79 -38.58 17.81
CA ILE B 15 -2.50 -37.88 17.77
C ILE B 15 -2.54 -36.70 18.74
N GLU B 16 -1.40 -36.50 19.41
CA GLU B 16 -1.23 -35.43 20.38
C GLU B 16 -1.47 -34.10 19.68
N VAL B 17 -2.25 -33.23 20.34
CA VAL B 17 -2.74 -32.02 19.71
C VAL B 17 -3.07 -30.98 20.76
N THR B 18 -2.84 -29.73 20.41
CA THR B 18 -3.42 -28.62 21.13
C THR B 18 -4.74 -28.24 20.49
N ILE B 19 -5.79 -28.21 21.31
CA ILE B 19 -7.15 -27.97 20.86
C ILE B 19 -7.62 -26.63 21.42
N GLY B 20 -8.02 -25.74 20.52
CA GLY B 20 -8.69 -24.53 20.90
C GLY B 20 -10.21 -24.60 20.69
N ILE B 21 -10.93 -23.98 21.61
CA ILE B 21 -12.37 -23.79 21.48
C ILE B 21 -12.60 -22.35 21.88
N ASP B 22 -13.10 -21.56 20.95
CA ASP B 22 -13.14 -20.11 21.09
C ASP B 22 -11.82 -19.59 21.65
N GLN B 23 -11.86 -18.79 22.69
CA GLN B 23 -10.62 -18.22 23.19
C GLN B 23 -9.82 -19.15 24.09
N TYR B 24 -10.31 -20.35 24.39
CA TYR B 24 -9.64 -21.27 25.31
C TYR B 24 -8.80 -22.29 24.54
N SER B 25 -7.83 -22.88 25.24
CA SER B 25 -7.09 -24.00 24.65
C SER B 25 -6.56 -24.94 25.72
N PHE B 26 -6.43 -26.21 25.34
CA PHE B 26 -5.91 -27.26 26.20
C PHE B 26 -5.20 -28.30 25.34
N ASN B 27 -4.41 -29.14 25.99
CA ASN B 27 -3.64 -30.16 25.29
C ASN B 27 -4.29 -31.53 25.48
N VAL B 28 -4.16 -32.37 24.47
CA VAL B 28 -4.52 -33.78 24.51
C VAL B 28 -3.31 -34.61 24.10
N LYS B 29 -2.99 -35.64 24.90
CA LYS B 29 -1.86 -36.49 24.55
C LYS B 29 -2.26 -37.55 23.50
N GLU B 30 -1.24 -38.16 22.91
CA GLU B 30 -1.48 -39.21 21.92
C GLU B 30 -2.29 -40.37 22.52
N ASN B 31 -3.41 -40.68 21.89
CA ASN B 31 -4.29 -41.79 22.28
C ASN B 31 -4.81 -41.63 23.70
N GLN B 32 -4.81 -40.41 24.20
CA GLN B 32 -5.48 -40.11 25.45
C GLN B 32 -6.97 -40.44 25.34
N PRO B 33 -7.59 -40.91 26.43
CA PRO B 33 -9.05 -41.04 26.44
C PRO B 33 -9.72 -39.68 26.50
N PHE B 34 -9.91 -39.07 25.33
CA PHE B 34 -10.54 -37.73 25.17
C PHE B 34 -11.74 -37.90 24.23
N HIS B 35 -12.96 -37.58 24.68
CA HIS B 35 -14.17 -37.72 23.83
C HIS B 35 -14.82 -36.37 23.60
N GLY B 36 -14.15 -35.25 23.85
CA GLY B 36 -14.74 -33.99 23.37
C GLY B 36 -14.97 -32.88 24.35
N ILE B 37 -15.79 -31.91 23.93
CA ILE B 37 -16.04 -30.69 24.69
C ILE B 37 -17.52 -30.62 25.00
N LYS B 38 -17.78 -30.53 26.30
CA LYS B 38 -19.16 -30.50 26.84
C LYS B 38 -19.54 -29.14 27.49
N ASP B 39 -20.80 -28.66 27.34
CA ASP B 39 -21.27 -27.46 28.03
C ASP B 39 -20.96 -26.19 27.25
N ILE B 40 -21.15 -26.24 25.94
CA ILE B 40 -20.83 -25.09 25.07
C ILE B 40 -22.05 -24.22 24.94
N PRO B 41 -22.41 -22.94 25.51
CA PRO B 41 -23.84 -22.01 25.26
C PRO B 41 -24.07 -22.21 23.74
N ILE B 42 -25.33 -22.42 23.28
CA ILE B 42 -25.65 -22.60 21.82
C ILE B 42 -25.00 -21.47 21.01
N GLY B 43 -25.00 -20.24 21.55
CA GLY B 43 -24.36 -19.04 21.01
C GLY B 43 -24.89 -18.74 19.64
N HIS B 44 -24.14 -17.91 18.96
CA HIS B 44 -24.42 -17.69 17.56
C HIS B 44 -23.25 -18.25 16.77
N VAL B 45 -22.05 -18.12 17.32
N VAL B 45 -22.05 -18.11 17.31
CA VAL B 45 -20.90 -18.63 16.58
CA VAL B 45 -20.86 -18.59 16.59
C VAL B 45 -19.84 -19.18 17.55
C VAL B 45 -19.86 -19.21 17.57
N HIS B 46 -19.03 -20.16 16.93
CA HIS B 46 -17.91 -20.78 17.81
C HIS B 46 -16.71 -21.08 16.85
N VAL B 47 -15.54 -21.48 17.33
CA VAL B 47 -14.46 -22.00 16.50
C VAL B 47 -13.73 -23.08 17.30
N ILE B 48 -13.41 -24.20 16.65
N ILE B 48 -13.49 -24.23 16.69
CA ILE B 48 -12.59 -25.23 17.23
CA ILE B 48 -12.59 -25.24 17.24
C ILE B 48 -11.35 -25.39 16.35
C ILE B 48 -11.36 -25.28 16.35
N HIS B 49 -10.19 -25.29 16.96
CA HIS B 49 -8.95 -25.22 16.18
C HIS B 49 -7.95 -26.17 16.79
N PHE B 50 -6.97 -26.50 15.96
CA PHE B 50 -6.06 -27.60 16.20
C PHE B 50 -4.67 -27.16 15.82
N GLN B 51 -3.69 -27.61 16.61
CA GLN B 51 -2.30 -27.51 16.18
C GLN B 51 -1.61 -28.78 16.67
N HIS B 52 -1.12 -29.57 15.73
CA HIS B 52 -0.60 -30.88 16.13
C HIS B 52 0.72 -30.75 16.88
N ALA B 53 0.91 -31.59 17.89
CA ALA B 53 2.11 -31.47 18.71
C ALA B 53 3.34 -31.84 17.91
N ASP B 54 3.27 -32.93 17.15
CA ASP B 54 4.47 -33.40 16.44
C ASP B 54 4.71 -32.63 15.14
N ASN B 55 3.83 -31.70 14.76
CA ASN B 55 4.05 -30.92 13.54
C ASN B 55 3.20 -29.64 13.70
N SER B 56 3.84 -28.58 14.22
CA SER B 56 3.11 -27.34 14.48
C SER B 56 2.76 -26.61 13.20
N SER B 57 3.26 -27.09 12.05
CA SER B 57 2.80 -26.56 10.78
C SER B 57 1.32 -26.88 10.59
N MET B 58 0.70 -26.13 9.72
N MET B 58 0.70 -26.09 9.74
CA MET B 58 -0.75 -26.11 9.62
CA MET B 58 -0.74 -25.99 9.56
C MET B 58 -1.45 -26.10 10.98
C MET B 58 -1.52 -26.07 10.88
N ARG B 59 -1.77 -24.91 11.47
CA ARG B 59 -2.90 -24.78 12.36
C ARG B 59 -4.14 -24.89 11.46
N TYR B 60 -5.23 -25.51 11.96
CA TYR B 60 -6.44 -25.52 11.15
C TYR B 60 -7.66 -25.63 12.06
N GLY B 61 -8.83 -25.32 11.52
CA GLY B 61 -10.02 -25.40 12.38
C GLY B 61 -11.31 -25.19 11.64
N TYR B 62 -12.38 -25.09 12.43
CA TYR B 62 -13.73 -25.05 11.93
C TYR B 62 -14.52 -24.01 12.69
N TRP B 63 -15.17 -23.15 11.95
CA TRP B 63 -16.20 -22.29 12.46
C TRP B 63 -17.54 -22.98 12.36
N PHE B 64 -18.35 -22.84 13.41
CA PHE B 64 -19.62 -23.52 13.46
C PHE B 64 -20.59 -22.81 14.40
N ASP B 65 -21.87 -23.16 14.24
CA ASP B 65 -22.96 -22.63 15.10
C ASP B 65 -23.82 -23.82 15.50
N CYS B 66 -23.87 -24.16 16.77
CA CYS B 66 -24.61 -25.34 17.29
C CYS B 66 -26.08 -25.32 16.87
N ARG B 67 -26.64 -24.15 16.58
CA ARG B 67 -28.05 -24.02 16.15
C ARG B 67 -28.25 -24.68 14.80
N MET B 68 -27.22 -24.67 13.95
N MET B 68 -27.22 -24.66 13.96
CA MET B 68 -27.36 -25.22 12.58
CA MET B 68 -27.34 -25.23 12.58
C MET B 68 -27.15 -26.73 12.54
C MET B 68 -27.36 -26.75 12.59
N GLY B 69 -26.96 -27.36 13.71
CA GLY B 69 -26.86 -28.86 13.71
C GLY B 69 -25.97 -29.46 14.77
N ASN B 70 -25.76 -30.79 14.70
CA ASN B 70 -24.91 -31.54 15.65
C ASN B 70 -23.54 -31.79 15.01
N PHE B 71 -22.46 -31.23 15.55
CA PHE B 71 -21.14 -31.38 14.94
C PHE B 71 -20.31 -32.27 15.86
N TYR B 72 -19.50 -33.16 15.28
CA TYR B 72 -18.57 -34.02 16.03
C TYR B 72 -17.25 -34.00 15.27
N ILE B 73 -16.21 -34.38 15.96
CA ILE B 73 -14.86 -34.41 15.36
C ILE B 73 -14.40 -35.88 15.26
N GLN B 74 -13.92 -36.30 14.12
CA GLN B 74 -13.34 -37.62 13.92
C GLN B 74 -11.99 -37.47 13.23
N TYR B 75 -10.96 -38.09 13.78
CA TYR B 75 -9.67 -38.07 13.10
C TYR B 75 -9.68 -38.96 11.87
N ASP B 76 -9.08 -38.43 10.81
CA ASP B 76 -8.97 -39.14 9.53
C ASP B 76 -7.51 -39.56 9.35
N PRO B 77 -7.20 -40.85 9.47
CA PRO B 77 -5.78 -41.26 9.40
C PRO B 77 -5.18 -41.18 8.01
N LYS B 78 -6.00 -41.07 6.97
CA LYS B 78 -5.48 -40.88 5.62
C LYS B 78 -5.02 -39.44 5.39
N ASP B 79 -5.93 -38.45 5.57
CA ASP B 79 -5.58 -37.03 5.43
C ASP B 79 -4.83 -36.46 6.65
N GLY B 80 -4.80 -37.19 7.76
CA GLY B 80 -4.04 -36.80 8.91
C GLY B 80 -4.54 -35.55 9.61
N LEU B 81 -5.85 -35.37 9.70
CA LEU B 81 -6.33 -34.26 10.49
C LEU B 81 -7.66 -34.59 11.14
N TYR B 82 -7.94 -33.85 12.21
CA TYR B 82 -9.22 -33.96 12.86
C TYR B 82 -10.24 -33.27 11.97
N LYS B 83 -11.28 -34.01 11.57
CA LYS B 83 -12.31 -33.49 10.66
C LYS B 83 -13.62 -33.27 11.39
N MET B 84 -14.32 -32.21 11.02
CA MET B 84 -15.64 -31.98 11.60
C MET B 84 -16.65 -32.69 10.69
N MET B 85 -17.63 -33.35 11.26
CA MET B 85 -18.72 -33.97 10.48
C MET B 85 -20.02 -33.64 11.23
N GLU B 86 -21.14 -33.67 10.51
CA GLU B 86 -22.47 -33.37 11.07
C GLU B 86 -23.25 -34.67 11.20
N GLU B 87 -24.01 -34.87 12.28
CA GLU B 87 -24.90 -36.03 12.47
C GLU B 87 -26.32 -35.49 12.28
N ARG B 88 -27.06 -35.89 11.23
CA ARG B 88 -28.46 -35.43 10.94
C ARG B 88 -29.47 -36.15 11.86
N ASP B 89 -29.13 -37.36 12.27
CA ASP B 89 -29.86 -38.29 13.19
C ASP B 89 -29.53 -37.81 14.61
N GLY B 90 -30.26 -36.78 15.07
CA GLY B 90 -30.14 -36.10 16.36
C GLY B 90 -30.39 -37.00 17.55
N ALA B 91 -31.27 -38.00 17.42
CA ALA B 91 -31.59 -38.98 18.48
C ALA B 91 -30.33 -39.82 18.77
N LYS B 92 -29.67 -40.32 17.72
CA LYS B 92 -28.43 -41.11 17.83
C LYS B 92 -27.36 -40.25 18.53
N PHE B 93 -27.26 -38.98 18.15
CA PHE B 93 -26.29 -38.00 18.71
C PHE B 93 -26.61 -37.73 20.18
N GLU B 94 -27.90 -37.60 20.48
CA GLU B 94 -28.42 -37.34 21.84
C GLU B 94 -28.10 -38.57 22.68
N ASN B 95 -28.21 -39.76 22.11
CA ASN B 95 -27.91 -41.06 22.76
C ASN B 95 -26.42 -41.12 23.13
N ILE B 96 -25.54 -40.74 22.22
CA ILE B 96 -24.06 -40.78 22.45
C ILE B 96 -23.65 -39.73 23.48
N VAL B 97 -24.19 -38.53 23.37
CA VAL B 97 -23.82 -37.37 24.23
C VAL B 97 -24.53 -37.48 25.60
N HIS B 98 -25.71 -38.11 25.70
CA HIS B 98 -26.38 -38.36 26.99
C HIS B 98 -25.36 -39.05 27.82
N ASN B 99 -24.75 -40.13 27.29
CA ASN B 99 -23.86 -41.10 27.98
C ASN B 99 -22.94 -40.49 29.06
N PHE B 100 -23.24 -40.89 30.28
CA PHE B 100 -22.56 -40.39 31.48
C PHE B 100 -21.07 -40.74 31.50
N LYS B 101 -20.70 -41.95 31.04
CA LYS B 101 -19.27 -42.36 30.97
C LYS B 101 -18.56 -41.50 29.91
N GLU B 102 -19.21 -41.27 28.78
CA GLU B 102 -18.63 -40.45 27.67
C GLU B 102 -18.38 -39.04 28.17
N ARG B 103 -19.32 -38.49 28.95
CA ARG B 103 -19.20 -37.11 29.47
C ARG B 103 -18.00 -36.95 30.42
N GLN B 104 -17.60 -38.02 31.10
CA GLN B 104 -16.45 -38.08 32.06
C GLN B 104 -15.11 -37.87 31.36
N MET B 105 -15.05 -38.23 30.07
CA MET B 105 -13.85 -38.11 29.21
C MET B 105 -13.94 -36.85 28.33
N MET B 106 -14.85 -35.92 28.63
CA MET B 106 -15.02 -34.65 27.90
C MET B 106 -14.59 -33.49 28.80
N VAL B 107 -14.06 -32.40 28.21
CA VAL B 107 -13.68 -31.18 28.96
C VAL B 107 -14.85 -30.21 28.83
N SER B 108 -15.20 -29.47 29.89
CA SER B 108 -16.34 -28.56 29.93
C SER B 108 -15.90 -27.20 29.40
N TYR B 109 -16.69 -26.64 28.50
CA TYR B 109 -16.49 -25.26 28.07
C TYR B 109 -16.47 -24.38 29.32
N PRO B 110 -15.33 -23.70 29.62
CA PRO B 110 -15.15 -23.18 30.98
C PRO B 110 -15.35 -21.69 31.05
N LYS B 111 -16.59 -21.23 30.88
CA LYS B 111 -16.86 -19.81 30.75
C LYS B 111 -17.06 -19.19 32.13
N ILE B 112 -16.19 -18.24 32.48
CA ILE B 112 -16.41 -17.41 33.65
C ILE B 112 -17.59 -16.48 33.38
N ASP B 113 -18.41 -16.23 34.40
CA ASP B 113 -19.64 -15.47 34.19
C ASP B 113 -19.36 -14.00 33.96
N GLU B 114 -18.37 -13.44 34.67
CA GLU B 114 -17.93 -12.07 34.38
C GLU B 114 -17.38 -11.95 32.98
N ASP B 115 -16.87 -13.05 32.42
CA ASP B 115 -16.22 -13.01 31.12
C ASP B 115 -17.26 -12.90 30.02
N ASP B 116 -17.28 -11.76 29.34
CA ASP B 116 -18.06 -11.58 28.12
C ASP B 116 -17.14 -11.47 26.91
N THR B 117 -15.91 -12.01 27.02
CA THR B 117 -14.89 -11.76 26.01
C THR B 117 -15.28 -12.34 24.65
N TRP B 118 -15.49 -13.66 24.64
CA TRP B 118 -15.84 -14.39 23.41
C TRP B 118 -16.87 -13.59 22.64
N TYR B 119 -17.92 -13.06 23.30
CA TYR B 119 -18.99 -12.38 22.54
C TYR B 119 -18.58 -10.94 22.16
N ASN B 120 -17.83 -10.21 22.96
CA ASN B 120 -17.27 -8.96 22.49
C ASN B 120 -16.45 -9.18 21.22
N LEU B 121 -15.71 -10.29 21.13
CA LEU B 121 -14.90 -10.53 19.93
C LEU B 121 -15.69 -11.00 18.71
N THR B 122 -16.88 -11.48 18.90
CA THR B 122 -17.63 -12.06 17.80
C THR B 122 -19.02 -11.46 17.67
N GLU B 123 -19.28 -10.31 18.33
CA GLU B 123 -20.59 -9.67 18.29
C GLU B 123 -21.18 -9.59 16.89
N PHE B 124 -20.37 -9.22 15.88
CA PHE B 124 -20.90 -8.96 14.55
C PHE B 124 -20.66 -10.11 13.59
N VAL B 125 -20.06 -11.18 14.06
CA VAL B 125 -19.72 -12.33 13.23
C VAL B 125 -20.93 -13.23 13.15
N GLN B 126 -21.33 -13.60 11.92
N GLN B 126 -21.31 -13.57 11.90
CA GLN B 126 -22.43 -14.52 11.73
CA GLN B 126 -22.44 -14.45 11.59
C GLN B 126 -22.04 -15.63 10.77
C GLN B 126 -21.97 -15.66 10.78
N MET B 127 -22.52 -16.85 11.09
CA MET B 127 -22.17 -18.02 10.28
C MET B 127 -22.55 -17.82 8.82
N ASP B 128 -23.70 -17.17 8.53
CA ASP B 128 -24.06 -17.10 7.10
C ASP B 128 -23.07 -16.26 6.31
N LYS B 129 -22.43 -15.28 6.93
CA LYS B 129 -21.41 -14.49 6.24
C LYS B 129 -20.08 -15.24 6.14
N ILE B 130 -19.73 -15.98 7.19
CA ILE B 130 -18.56 -16.84 7.13
C ILE B 130 -18.66 -17.78 5.94
N ARG B 131 -19.82 -18.41 5.76
CA ARG B 131 -19.98 -19.34 4.65
C ARG B 131 -19.90 -18.65 3.29
N LYS B 132 -20.04 -17.31 3.20
CA LYS B 132 -19.78 -16.65 1.93
C LYS B 132 -18.31 -16.38 1.72
N ILE B 133 -17.55 -16.16 2.80
CA ILE B 133 -16.11 -15.95 2.70
C ILE B 133 -15.39 -17.26 2.46
N VAL B 134 -15.87 -18.32 3.10
CA VAL B 134 -15.31 -19.66 3.01
C VAL B 134 -16.34 -20.50 2.27
N ARG B 135 -16.15 -20.72 0.97
CA ARG B 135 -17.20 -21.29 0.13
C ARG B 135 -17.08 -22.81 0.13
N LYS B 136 -17.99 -23.48 0.86
CA LYS B 136 -18.12 -24.96 0.83
C LYS B 136 -19.56 -25.30 1.22
N ASP B 137 -20.47 -25.17 0.25
CA ASP B 137 -21.90 -25.12 0.58
C ASP B 137 -22.45 -26.43 1.11
N GLU B 138 -21.79 -27.56 0.85
CA GLU B 138 -22.30 -28.86 1.30
C GLU B 138 -22.14 -29.08 2.81
N ASN B 139 -21.35 -28.26 3.50
CA ASN B 139 -21.19 -28.34 4.95
C ASN B 139 -21.76 -27.09 5.59
N GLN B 140 -22.32 -27.25 6.80
CA GLN B 140 -22.82 -26.13 7.59
C GLN B 140 -21.74 -25.43 8.39
N PHE B 141 -20.54 -26.02 8.45
CA PHE B 141 -19.38 -25.49 9.17
C PHE B 141 -18.30 -25.17 8.15
N SER B 142 -17.32 -24.35 8.56
CA SER B 142 -16.37 -23.78 7.63
C SER B 142 -14.95 -24.02 8.10
N TYR B 143 -14.15 -24.59 7.20
CA TYR B 143 -12.76 -24.92 7.47
C TYR B 143 -11.86 -23.75 7.07
N VAL B 144 -10.96 -23.37 7.98
CA VAL B 144 -9.93 -22.37 7.73
C VAL B 144 -8.60 -22.94 8.23
N ASP B 145 -7.49 -22.59 7.54
CA ASP B 145 -6.19 -22.97 8.06
C ASP B 145 -5.16 -21.87 7.81
N SER B 146 -3.96 -22.11 8.37
CA SER B 146 -2.88 -21.14 8.37
C SER B 146 -2.43 -20.76 6.99
N SER B 147 -2.59 -21.64 6.02
CA SER B 147 -1.98 -21.42 4.70
C SER B 147 -2.94 -20.84 3.66
N MET B 148 -4.23 -20.74 3.95
CA MET B 148 -5.20 -20.37 2.93
C MET B 148 -4.97 -18.94 2.51
N THR B 149 -4.91 -18.72 1.19
CA THR B 149 -4.74 -17.36 0.69
C THR B 149 -6.10 -16.74 0.46
N THR B 150 -6.08 -15.41 0.35
CA THR B 150 -7.28 -14.64 0.10
C THR B 150 -7.45 -14.43 -1.41
N VAL B 151 -8.69 -14.20 -1.82
CA VAL B 151 -8.96 -13.90 -3.23
C VAL B 151 -8.10 -12.73 -3.69
N GLN B 152 -7.99 -11.69 -2.88
CA GLN B 152 -7.20 -10.53 -3.28
C GLN B 152 -5.74 -10.91 -3.47
N GLU B 153 -5.17 -11.63 -2.48
CA GLU B 153 -3.81 -12.15 -2.63
C GLU B 153 -3.65 -12.93 -3.92
N ASN B 154 -4.65 -13.75 -4.27
CA ASN B 154 -4.55 -14.56 -5.48
C ASN B 154 -4.43 -13.69 -6.72
N GLU B 155 -4.94 -12.47 -6.67
CA GLU B 155 -4.91 -11.55 -7.79
C GLU B 155 -3.57 -10.84 -7.96
N LEU B 156 -2.68 -10.91 -6.97
CA LEU B 156 -1.35 -10.33 -7.08
C LEU B 156 -0.31 -11.45 -7.13
N SER B 161 -3.51 -20.44 -5.21
CA SER B 161 -3.84 -20.47 -6.62
C SER B 161 -5.01 -21.43 -6.92
N ASP B 162 -5.69 -21.87 -5.86
CA ASP B 162 -6.91 -22.67 -6.00
C ASP B 162 -8.11 -21.88 -5.49
N PRO B 163 -8.95 -21.34 -6.37
CA PRO B 163 -10.07 -20.50 -5.89
C PRO B 163 -11.06 -21.23 -4.98
N ALA B 164 -11.01 -22.57 -4.92
CA ALA B 164 -11.90 -23.29 -4.01
C ALA B 164 -11.44 -23.14 -2.56
N HIS B 165 -10.14 -23.27 -2.32
CA HIS B 165 -9.52 -23.24 -0.99
C HIS B 165 -9.10 -21.83 -0.60
N SER B 166 -9.88 -20.82 -0.96
CA SER B 166 -9.51 -19.44 -0.78
C SER B 166 -10.43 -18.78 0.23
N LEU B 167 -9.96 -17.66 0.78
CA LEU B 167 -10.75 -16.81 1.67
C LEU B 167 -11.25 -15.66 0.82
N ASN B 168 -12.56 -15.62 0.58
N ASN B 168 -12.56 -15.63 0.60
CA ASN B 168 -13.17 -14.63 -0.29
CA ASN B 168 -13.24 -14.64 -0.24
C ASN B 168 -13.59 -13.38 0.51
C ASN B 168 -13.61 -13.40 0.58
N TYR B 169 -12.58 -12.78 1.15
CA TYR B 169 -12.78 -11.50 1.80
C TYR B 169 -13.10 -10.42 0.77
N THR B 170 -13.83 -9.39 1.20
CA THR B 170 -14.09 -8.22 0.38
C THR B 170 -12.76 -7.56 -0.01
N VAL B 171 -12.56 -7.35 -1.30
CA VAL B 171 -11.30 -6.77 -1.74
C VAL B 171 -11.28 -5.28 -1.40
N ILE B 172 -10.23 -4.87 -0.70
CA ILE B 172 -9.97 -3.49 -0.32
C ILE B 172 -8.61 -3.11 -0.86
N ASN B 173 -8.55 -2.12 -1.74
CA ASN B 173 -7.28 -1.79 -2.39
C ASN B 173 -7.29 -0.28 -2.59
N PHE B 174 -6.46 0.40 -1.82
CA PHE B 174 -6.53 1.85 -1.81
C PHE B 174 -6.09 2.47 -3.15
N LYS B 175 -5.34 1.75 -3.97
CA LYS B 175 -4.88 2.29 -5.27
C LYS B 175 -5.53 1.47 -6.38
N SER B 176 -6.85 1.62 -6.46
CA SER B 176 -7.69 0.95 -7.43
C SER B 176 -8.78 1.90 -7.89
N ARG B 177 -9.36 1.60 -9.06
CA ARG B 177 -10.45 2.44 -9.53
C ARG B 177 -11.65 2.39 -8.59
N GLU B 178 -11.88 1.25 -7.90
CA GLU B 178 -13.02 1.20 -7.01
C GLU B 178 -12.89 2.22 -5.88
N ALA B 179 -11.66 2.50 -5.46
CA ALA B 179 -11.43 3.40 -4.34
C ALA B 179 -11.29 4.87 -4.75
N ILE B 180 -11.08 5.15 -6.04
CA ILE B 180 -10.69 6.48 -6.51
C ILE B 180 -11.62 6.90 -7.64
N ARG B 181 -12.38 7.96 -7.40
CA ARG B 181 -13.26 8.54 -8.43
C ARG B 181 -12.43 9.34 -9.43
N PRO B 182 -12.56 9.10 -10.73
CA PRO B 182 -11.87 9.97 -11.70
C PRO B 182 -12.22 11.41 -11.40
N GLY B 183 -11.21 12.27 -11.46
CA GLY B 183 -11.40 13.66 -11.12
C GLY B 183 -11.29 13.98 -9.66
N HIS B 184 -11.24 12.98 -8.79
CA HIS B 184 -11.11 13.21 -7.37
C HIS B 184 -9.88 12.47 -6.84
N GLU B 185 -8.83 12.36 -7.65
CA GLU B 185 -7.70 11.50 -7.33
C GLU B 185 -7.12 11.84 -5.96
N MET B 186 -6.66 13.08 -5.79
CA MET B 186 -6.04 13.49 -4.55
C MET B 186 -7.04 13.41 -3.41
N GLU B 187 -8.25 13.91 -3.66
CA GLU B 187 -9.27 13.98 -2.64
C GLU B 187 -9.51 12.61 -2.03
N ASP B 188 -9.80 11.63 -2.90
CA ASP B 188 -10.20 10.29 -2.47
C ASP B 188 -9.02 9.49 -1.93
N PHE B 189 -7.80 9.73 -2.41
CA PHE B 189 -6.67 9.02 -1.80
C PHE B 189 -6.32 9.55 -0.42
N LEU B 190 -6.41 10.86 -0.22
CA LEU B 190 -6.11 11.44 1.08
C LEU B 190 -7.26 11.34 2.07
N ASP B 191 -8.49 11.22 1.59
CA ASP B 191 -9.68 11.16 2.45
C ASP B 191 -10.53 10.05 1.85
N LYS B 192 -10.50 8.89 2.48
CA LYS B 192 -11.11 7.68 1.93
C LYS B 192 -12.62 7.54 2.23
N SER B 193 -13.24 8.62 2.70
CA SER B 193 -14.66 8.63 3.03
C SER B 193 -15.58 8.14 1.90
N TYR B 194 -15.31 8.48 0.64
N TYR B 194 -15.35 8.56 0.66
N TYR B 194 -15.32 8.52 0.66
CA TYR B 194 -16.21 8.02 -0.41
CA TYR B 194 -16.11 8.03 -0.47
CA TYR B 194 -16.16 8.03 -0.42
C TYR B 194 -16.02 6.52 -0.69
C TYR B 194 -16.06 6.53 -0.49
C TYR B 194 -16.05 6.51 -0.54
N TYR B 195 -14.83 5.98 -0.43
CA TYR B 195 -14.63 4.55 -0.56
C TYR B 195 -15.28 3.82 0.62
N LEU B 196 -15.15 4.38 1.81
CA LEU B 196 -15.77 3.77 2.99
C LEU B 196 -17.28 3.84 2.90
N ASN B 197 -17.83 5.04 2.72
CA ASN B 197 -19.27 5.21 2.92
C ASN B 197 -20.08 4.82 1.69
N THR B 198 -19.69 5.29 0.51
CA THR B 198 -20.48 4.97 -0.67
C THR B 198 -20.19 3.58 -1.22
N VAL B 199 -18.92 3.25 -1.44
CA VAL B 199 -18.57 1.98 -2.07
C VAL B 199 -18.73 0.82 -1.11
N MET B 200 -18.14 0.91 0.08
CA MET B 200 -18.16 -0.24 0.99
C MET B 200 -19.45 -0.33 1.80
N LEU B 201 -19.80 0.72 2.56
CA LEU B 201 -20.94 0.57 3.47
C LEU B 201 -22.26 0.54 2.69
N GLN B 202 -22.47 1.53 1.82
N GLN B 202 -22.48 1.54 1.82
CA GLN B 202 -23.74 1.58 1.10
CA GLN B 202 -23.74 1.60 1.09
C GLN B 202 -23.79 0.54 -0.01
C GLN B 202 -23.79 0.55 -0.01
N GLY B 203 -22.68 0.33 -0.70
CA GLY B 203 -22.63 -0.53 -1.85
C GLY B 203 -22.49 -2.02 -1.62
N ILE B 204 -21.59 -2.43 -0.74
CA ILE B 204 -21.18 -3.81 -0.64
C ILE B 204 -21.65 -4.43 0.67
N PHE B 205 -21.34 -3.80 1.80
CA PHE B 205 -21.68 -4.40 3.10
C PHE B 205 -23.12 -4.11 3.52
N LYS B 206 -23.67 -2.98 3.07
CA LYS B 206 -25.04 -2.56 3.34
C LYS B 206 -25.17 -1.89 4.70
N ASN B 207 -24.42 -2.32 5.73
CA ASN B 207 -24.43 -1.65 7.02
C ASN B 207 -23.12 -1.89 7.75
N SER B 208 -22.91 -1.12 8.85
CA SER B 208 -21.63 -1.19 9.57
C SER B 208 -21.49 -2.51 10.28
N SER B 209 -22.61 -3.11 10.68
CA SER B 209 -22.54 -4.39 11.39
C SER B 209 -21.90 -5.48 10.55
N ASN B 210 -22.27 -5.55 9.26
CA ASN B 210 -21.65 -6.51 8.36
C ASN B 210 -20.18 -6.19 8.13
N TYR B 211 -19.83 -4.90 8.07
CA TYR B 211 -18.43 -4.53 7.95
C TYR B 211 -17.64 -4.97 9.16
N PHE B 212 -18.19 -4.69 10.34
CA PHE B 212 -17.50 -5.09 11.54
C PHE B 212 -17.42 -6.59 11.65
N GLY B 213 -18.42 -7.31 11.12
CA GLY B 213 -18.38 -8.76 11.20
C GLY B 213 -17.21 -9.33 10.44
N GLU B 214 -17.00 -8.85 9.22
CA GLU B 214 -15.85 -9.31 8.46
C GLU B 214 -14.55 -8.90 9.14
N LEU B 215 -14.47 -7.66 9.66
CA LEU B 215 -13.25 -7.24 10.38
C LEU B 215 -12.97 -8.16 11.58
N GLN B 216 -14.00 -8.52 12.36
CA GLN B 216 -13.82 -9.42 13.52
C GLN B 216 -13.39 -10.81 13.08
N PHE B 217 -14.00 -11.33 12.03
CA PHE B 217 -13.67 -12.65 11.52
C PHE B 217 -12.24 -12.68 11.05
N ALA B 218 -11.82 -11.63 10.32
CA ALA B 218 -10.44 -11.56 9.84
C ALA B 218 -9.46 -11.59 11.02
N PHE B 219 -9.71 -10.76 12.03
CA PHE B 219 -8.85 -10.73 13.18
C PHE B 219 -8.71 -12.12 13.78
N LEU B 220 -9.83 -12.80 13.97
CA LEU B 220 -9.81 -14.10 14.65
C LEU B 220 -9.10 -15.15 13.82
N ASN B 221 -9.25 -15.13 12.50
CA ASN B 221 -8.48 -16.06 11.68
CA ASN B 221 -8.49 -16.04 11.64
C ASN B 221 -6.99 -15.78 11.75
N ALA B 222 -6.60 -14.51 11.80
CA ALA B 222 -5.19 -14.18 11.95
C ALA B 222 -4.67 -14.68 13.30
N MET B 223 -5.44 -14.46 14.37
CA MET B 223 -4.99 -14.84 15.70
C MET B 223 -4.98 -16.37 15.88
N PHE B 224 -6.03 -17.05 15.44
CA PHE B 224 -6.12 -18.45 15.79
C PHE B 224 -5.33 -19.33 14.84
N PHE B 225 -5.22 -18.93 13.57
CA PHE B 225 -4.55 -19.74 12.58
C PHE B 225 -3.23 -19.14 12.10
N GLY B 226 -2.87 -17.95 12.54
CA GLY B 226 -1.71 -17.29 11.97
C GLY B 226 -1.85 -17.08 10.48
N ASN B 227 -3.07 -16.81 10.02
CA ASN B 227 -3.35 -16.67 8.61
C ASN B 227 -2.95 -15.25 8.19
N TYR B 228 -1.94 -15.16 7.31
CA TYR B 228 -1.39 -13.83 6.98
C TYR B 228 -2.38 -12.97 6.19
N GLY B 229 -3.10 -13.54 5.21
CA GLY B 229 -4.02 -12.73 4.44
C GLY B 229 -5.14 -12.18 5.30
N SER B 230 -5.52 -12.94 6.32
CA SER B 230 -6.51 -12.45 7.29
C SER B 230 -5.97 -11.24 8.05
N SER B 231 -4.70 -11.30 8.46
CA SER B 231 -4.12 -10.14 9.13
C SER B 231 -4.13 -8.92 8.22
N LEU B 232 -3.75 -9.10 6.94
CA LEU B 232 -3.79 -8.01 5.97
C LEU B 232 -5.20 -7.41 5.89
N GLN B 233 -6.22 -8.27 5.90
CA GLN B 233 -7.58 -7.79 5.74
C GLN B 233 -8.04 -7.01 6.98
N TRP B 234 -7.71 -7.52 8.17
CA TRP B 234 -8.06 -6.82 9.42
C TRP B 234 -7.46 -5.42 9.41
N HIS B 235 -6.17 -5.33 9.08
CA HIS B 235 -5.51 -4.03 9.11
C HIS B 235 -6.11 -3.09 8.07
N ALA B 236 -6.42 -3.60 6.88
CA ALA B 236 -6.97 -2.76 5.82
C ALA B 236 -8.32 -2.19 6.22
N MET B 237 -9.17 -3.01 6.82
CA MET B 237 -10.49 -2.56 7.23
C MET B 237 -10.40 -1.55 8.35
N ILE B 238 -9.39 -1.65 9.21
CA ILE B 238 -9.15 -0.63 10.20
C ILE B 238 -8.67 0.66 9.54
N GLU B 239 -7.67 0.55 8.66
CA GLU B 239 -7.08 1.73 8.05
C GLU B 239 -8.10 2.49 7.20
N LEU B 240 -9.00 1.78 6.53
CA LEU B 240 -10.03 2.45 5.73
C LEU B 240 -10.90 3.37 6.58
N ILE B 241 -11.33 2.92 7.76
CA ILE B 241 -12.11 3.78 8.66
C ILE B 241 -11.27 4.95 9.14
N CYS B 242 -10.07 4.66 9.59
CA CYS B 242 -9.27 5.71 10.24
C CYS B 242 -8.86 6.78 9.24
N SER B 243 -8.66 6.42 7.97
CA SER B 243 -8.24 7.33 6.92
C SER B 243 -9.41 8.06 6.27
N SER B 244 -10.58 7.95 6.85
CA SER B 244 -11.78 8.65 6.38
C SER B 244 -12.09 9.79 7.35
N ALA B 245 -12.19 11.01 6.81
CA ALA B 245 -12.55 12.16 7.63
C ALA B 245 -14.00 12.12 8.08
N THR B 246 -14.86 11.45 7.34
CA THR B 246 -16.29 11.40 7.61
C THR B 246 -16.70 9.96 7.89
N VAL B 247 -17.08 9.70 9.13
CA VAL B 247 -17.47 8.38 9.60
C VAL B 247 -18.58 8.59 10.61
N PRO B 248 -19.70 7.93 10.49
CA PRO B 248 -20.72 7.99 11.54
C PRO B 248 -20.16 7.88 12.95
N LYS B 249 -20.76 8.62 13.89
CA LYS B 249 -20.23 8.67 15.25
C LYS B 249 -20.37 7.32 15.93
N HIS B 250 -21.47 6.63 15.67
CA HIS B 250 -21.73 5.33 16.28
C HIS B 250 -20.68 4.32 15.84
N MET B 251 -20.22 4.45 14.62
CA MET B 251 -19.26 3.50 14.07
C MET B 251 -17.89 3.72 14.68
N LEU B 252 -17.45 4.97 14.81
CA LEU B 252 -16.19 5.24 15.51
C LEU B 252 -16.22 4.72 16.93
N ASP B 253 -17.27 5.05 17.69
CA ASP B 253 -17.37 4.58 19.06
C ASP B 253 -17.33 3.07 19.12
N LYS B 254 -18.08 2.41 18.23
CA LYS B 254 -18.06 0.96 18.25
C LYS B 254 -16.69 0.42 17.84
N LEU B 255 -16.03 1.08 16.89
CA LEU B 255 -14.70 0.60 16.49
C LEU B 255 -13.76 0.58 17.69
N ASP B 256 -13.79 1.63 18.52
CA ASP B 256 -12.89 1.68 19.68
C ASP B 256 -13.08 0.45 20.57
N GLU B 257 -14.33 0.06 20.83
CA GLU B 257 -14.61 -1.10 21.65
C GLU B 257 -14.16 -2.39 20.97
N ILE B 258 -14.43 -2.51 19.68
CA ILE B 258 -14.02 -3.74 18.97
C ILE B 258 -12.52 -3.92 19.07
N LEU B 259 -11.77 -2.88 18.74
CA LEU B 259 -10.31 -2.99 18.75
C LEU B 259 -9.76 -3.18 20.16
N TYR B 260 -10.35 -2.52 21.15
CA TYR B 260 -9.87 -2.68 22.52
C TYR B 260 -9.85 -4.15 22.94
N TYR B 261 -10.94 -4.86 22.71
CA TYR B 261 -11.01 -6.27 23.08
C TYR B 261 -10.10 -7.15 22.24
N GLN B 262 -9.89 -6.81 20.97
CA GLN B 262 -8.93 -7.55 20.16
C GLN B 262 -7.53 -7.39 20.69
N ILE B 263 -7.12 -6.16 20.98
CA ILE B 263 -5.78 -5.92 21.52
C ILE B 263 -5.64 -6.58 22.90
N LYS B 264 -6.72 -6.54 23.69
CA LYS B 264 -6.68 -7.16 25.02
C LYS B 264 -6.48 -8.67 24.94
N THR B 265 -7.11 -9.32 23.95
CA THR B 265 -7.06 -10.76 23.84
C THR B 265 -5.76 -11.26 23.23
N LEU B 266 -5.10 -10.43 22.43
CA LEU B 266 -3.91 -10.85 21.69
C LEU B 266 -2.86 -11.42 22.64
N PRO B 267 -2.28 -12.59 22.33
CA PRO B 267 -1.12 -13.06 23.09
C PRO B 267 -0.01 -12.02 23.10
N GLU B 268 0.56 -11.80 24.28
CA GLU B 268 1.54 -10.72 24.42
C GLU B 268 2.80 -11.03 23.63
N GLN B 269 3.15 -12.30 23.50
CA GLN B 269 4.35 -12.71 22.76
C GLN B 269 4.14 -12.71 21.26
N TYR B 270 2.94 -12.36 20.78
CA TYR B 270 2.59 -12.43 19.36
C TYR B 270 2.48 -11.05 18.70
N SER B 271 3.02 -10.01 19.33
CA SER B 271 2.81 -8.65 18.84
C SER B 271 3.68 -8.31 17.63
N ASP B 272 4.88 -8.90 17.52
CA ASP B 272 5.69 -8.65 16.34
C ASP B 272 5.03 -9.21 15.08
N ILE B 273 4.26 -10.29 15.19
CA ILE B 273 3.75 -10.98 14.01
C ILE B 273 2.29 -10.64 13.69
N LEU B 274 1.53 -10.09 14.64
CA LEU B 274 0.11 -9.81 14.42
C LEU B 274 -0.22 -8.33 14.38
N LEU B 275 0.73 -7.43 14.64
CA LEU B 275 0.42 -6.01 14.61
C LEU B 275 1.36 -5.26 13.68
N ASN B 276 0.78 -4.51 12.75
CA ASN B 276 1.57 -3.82 11.74
C ASN B 276 1.91 -2.43 12.27
N GLU B 277 3.19 -2.21 12.55
CA GLU B 277 3.62 -0.95 13.15
C GLU B 277 3.12 0.25 12.37
N ARG B 278 3.24 0.21 11.03
CA ARG B 278 2.85 1.36 10.23
C ARG B 278 1.39 1.69 10.39
N VAL B 279 0.51 0.70 10.19
CA VAL B 279 -0.91 0.96 10.23
C VAL B 279 -1.31 1.53 11.58
N TRP B 280 -0.81 0.92 12.67
CA TRP B 280 -1.28 1.33 13.99
C TRP B 280 -0.77 2.72 14.36
N ASN B 281 0.44 3.07 13.97
CA ASN B 281 0.91 4.43 14.21
C ASN B 281 0.14 5.44 13.38
N ILE B 282 -0.21 5.09 12.14
CA ILE B 282 -1.09 5.96 11.35
C ILE B 282 -2.43 6.11 12.05
N CYS B 283 -3.04 4.99 12.44
CA CYS B 283 -4.40 5.09 12.93
C CYS B 283 -4.49 5.83 14.26
N LEU B 284 -3.52 5.61 15.15
CA LEU B 284 -3.63 6.18 16.49
C LEU B 284 -3.10 7.59 16.58
N TYR B 285 -2.15 7.96 15.73
CA TYR B 285 -1.39 9.19 15.92
C TYR B 285 -1.43 10.18 14.76
N SER B 286 -1.82 9.75 13.55
CA SER B 286 -1.82 10.62 12.38
C SER B 286 -3.16 10.79 11.69
N SER B 287 -4.05 9.80 11.77
CA SER B 287 -5.22 9.74 10.90
C SER B 287 -6.29 10.72 11.35
N PHE B 288 -7.32 10.86 10.50
CA PHE B 288 -8.46 11.69 10.85
C PHE B 288 -9.07 11.25 12.17
N GLN B 289 -8.99 9.96 12.50
CA GLN B 289 -9.68 9.41 13.67
C GLN B 289 -8.72 9.12 14.82
N LYS B 290 -7.53 9.73 14.83
CA LYS B 290 -6.58 9.51 15.92
C LYS B 290 -7.26 9.71 17.28
N ASN B 291 -8.12 10.72 17.40
CA ASN B 291 -8.74 11.06 18.68
C ASN B 291 -10.02 10.30 18.97
N SER B 292 -10.45 9.39 18.08
CA SER B 292 -11.69 8.67 18.27
C SER B 292 -11.49 7.26 18.82
N LEU B 293 -10.24 6.87 19.08
CA LEU B 293 -9.92 5.53 19.56
C LEU B 293 -9.28 5.62 20.94
N HIS B 294 -9.97 6.24 21.90
CA HIS B 294 -9.34 6.56 23.18
C HIS B 294 -8.98 5.29 23.95
N ASN B 295 -9.89 4.33 24.01
CA ASN B 295 -9.59 3.16 24.80
C ASN B 295 -8.58 2.27 24.10
N THR B 296 -8.67 2.15 22.76
CA THR B 296 -7.70 1.34 22.02
C THR B 296 -6.31 1.94 22.17
N GLU B 297 -6.21 3.26 22.06
CA GLU B 297 -4.91 3.92 22.22
C GLU B 297 -4.36 3.66 23.60
N LYS B 298 -5.24 3.65 24.61
CA LYS B 298 -4.75 3.50 25.97
C LYS B 298 -4.25 2.08 26.22
N ILE B 299 -4.91 1.06 25.66
CA ILE B 299 -4.42 -0.29 25.91
C ILE B 299 -3.15 -0.56 25.10
N MET B 300 -3.09 -0.05 23.88
CA MET B 300 -1.90 -0.22 23.05
C MET B 300 -0.67 0.41 23.70
N GLU B 301 -0.80 1.67 24.14
CA GLU B 301 0.33 2.36 24.77
C GLU B 301 0.85 1.63 26.01
N ASN B 302 -0.05 1.14 26.87
CA ASN B 302 0.41 0.48 28.09
C ASN B 302 0.77 -0.99 27.88
N LYS B 303 0.23 -1.67 26.86
CA LYS B 303 0.54 -3.06 26.60
C LYS B 303 1.64 -3.27 25.59
N TYR B 304 1.76 -2.41 24.59
CA TYR B 304 2.70 -2.62 23.50
C TYR B 304 3.40 -1.30 23.18
N PRO B 305 4.00 -0.63 24.16
CA PRO B 305 4.64 0.67 23.87
C PRO B 305 5.79 0.56 22.89
N GLU B 306 6.39 -0.64 22.76
CA GLU B 306 7.53 -0.80 21.87
C GLU B 306 7.14 -0.59 20.41
N LEU B 307 5.95 -1.06 20.02
CA LEU B 307 5.50 -0.91 18.65
C LEU B 307 5.29 0.54 18.26
N LEU B 308 5.21 1.45 19.21
CA LEU B 308 4.80 2.82 18.90
C LEU B 308 5.89 3.83 19.20
C7 VUN C . -21.47 -39.19 16.57
C8 VUN C . -20.32 -39.69 16.09
C9 VUN C . -19.22 -39.80 16.91
O1 VUN C . -23.77 -39.27 16.31
C1 VUN C . -18.45 -40.22 21.41
C5 VUN C . -20.48 -38.85 18.65
C6 VUN C . -21.57 -38.75 17.84
C4 VUN C . -19.32 -39.42 18.20
C3 VUN C . -18.18 -39.70 19.11
C2 VUN C . -17.13 -40.92 21.22
O2 VUN C . -22.45 -39.31 14.53
C10 VUN C . -22.66 -39.25 15.73
O VUN C . -18.56 -39.29 20.40
C VUN C . -18.49 -39.47 22.71
#